data_6JF0
#
_entry.id   6JF0
#
_cell.length_a   92.120
_cell.length_b   61.230
_cell.length_c   117.370
_cell.angle_alpha   90.00
_cell.angle_beta   102.26
_cell.angle_gamma   90.00
#
_symmetry.space_group_name_H-M   'C 1 2 1'
#
loop_
_entity.id
_entity.type
_entity.pdbx_description
1 polymer 'Peroxisome proliferator-activated receptor gamma'
2 non-polymer 'methyl (2~{S})-3-[4-[3-(4-methoxy-2-oxidanyl-phenyl)prop-2-ynoyloxy]phenyl]-2-[[2-(phenylcarbonyl)phenyl]amino]propanoate'
3 non-polymer 7-methoxychromen-2-one
4 water water
#
_entity_poly.entity_id   1
_entity_poly.type   'polypeptide(L)'
_entity_poly.pdbx_seq_one_letter_code
;GALNPESADLRALAKHLYDSYIKSFPLTKAKARAILTGKTTDKSPFVIYDMNSLMMGEDKIKFKHITPLQEQSKEVAIRI
FQGCQFRSVEAVQEITEYAKSIPGFVNLDLNDQVTLLKYGVHEIIYTMLASLMNKDGVLISEGQGFMTREFLKSLRKPFG
DFMEPKFEFAVKFNALELDDSDLAIFIAVIILSGDRPGLLNVKPIEDIQDNLLQALELQLKLNHPESSQLFAKLLQKMTD
LRQIVTEHVQLLQVIKKTETDMSLHPLLQEIYKDLY
;
_entity_poly.pdbx_strand_id   A,B
#
loop_
_chem_comp.id
_chem_comp.type
_chem_comp.name
_chem_comp.formula
EB6 non-polymer 'methyl (2~{S})-3-[4-[3-(4-methoxy-2-oxidanyl-phenyl)prop-2-ynoyloxy]phenyl]-2-[[2-(phenylcarbonyl)phenyl]amino]propanoate' 'C33 H27 N O7'
EBF non-polymer 7-methoxychromen-2-one 'C10 H8 O3'
#
# COMPACT_ATOMS: atom_id res chain seq x y z
N GLU A 6 -2.97 12.66 -26.32
CA GLU A 6 -2.12 12.01 -27.35
C GLU A 6 -1.09 11.09 -26.70
N SER A 7 -1.07 9.85 -27.16
CA SER A 7 -0.15 8.85 -26.62
C SER A 7 1.30 9.29 -26.82
N ALA A 8 1.58 9.87 -27.99
CA ALA A 8 2.95 10.26 -28.31
C ALA A 8 3.56 11.09 -27.19
N ASP A 9 2.74 11.96 -26.61
CA ASP A 9 3.19 12.74 -25.46
C ASP A 9 3.53 11.83 -24.30
N LEU A 10 2.68 10.84 -24.06
CA LEU A 10 2.93 9.87 -22.99
C LEU A 10 4.16 9.03 -23.30
N ARG A 11 4.29 8.60 -24.55
CA ARG A 11 5.45 7.83 -24.99
C ARG A 11 6.74 8.62 -24.89
N ALA A 12 6.67 9.89 -25.27
CA ALA A 12 7.82 10.78 -25.20
C ALA A 12 8.24 10.98 -23.76
N LEU A 13 7.27 11.12 -22.86
CA LEU A 13 7.55 11.30 -21.44
C LEU A 13 8.24 10.08 -20.89
N ALA A 14 7.77 8.91 -21.30
CA ALA A 14 8.37 7.65 -20.88
C ALA A 14 9.81 7.56 -21.37
N LYS A 15 10.02 7.99 -22.61
CA LYS A 15 11.34 7.98 -23.21
C LYS A 15 12.30 8.85 -22.42
N HIS A 16 11.81 10.01 -21.98
CA HIS A 16 12.62 10.93 -21.19
C HIS A 16 12.99 10.30 -19.86
N LEU A 17 12.04 9.67 -19.22
CA LEU A 17 12.28 9.11 -17.90
C LEU A 17 13.30 7.97 -17.96
N TYR A 18 13.19 7.13 -18.98
CA TYR A 18 14.14 6.05 -19.16
C TYR A 18 15.54 6.60 -19.40
N ASP A 19 15.63 7.64 -20.21
CA ASP A 19 16.89 8.29 -20.51
C ASP A 19 17.51 8.85 -19.23
N SER A 20 16.70 9.52 -18.43
CA SER A 20 17.16 10.07 -17.16
C SER A 20 17.54 8.97 -16.20
N TYR A 21 16.77 7.88 -16.23
CA TYR A 21 16.99 6.75 -15.36
C TYR A 21 18.35 6.11 -15.65
N ILE A 22 18.67 5.95 -16.92
CA ILE A 22 19.95 5.33 -17.30
C ILE A 22 21.14 6.16 -16.85
N LYS A 23 21.09 7.46 -17.11
CA LYS A 23 22.17 8.38 -16.73
C LYS A 23 22.30 8.49 -15.21
N SER A 24 21.16 8.56 -14.52
CA SER A 24 21.13 8.74 -13.08
C SER A 24 21.69 7.55 -12.27
N PHE A 25 21.41 6.34 -12.69
CA PHE A 25 21.84 5.15 -11.93
C PHE A 25 22.96 4.40 -12.62
N PRO A 26 24.05 4.17 -11.89
CA PRO A 26 25.18 3.40 -12.43
C PRO A 26 24.84 1.97 -12.81
N LEU A 27 24.16 1.28 -11.91
CA LEU A 27 23.79 -0.10 -12.15
C LEU A 27 22.33 -0.17 -12.55
N THR A 28 22.10 -0.57 -13.79
CA THR A 28 20.77 -0.78 -14.32
C THR A 28 20.33 -2.20 -14.04
N LYS A 29 19.03 -2.45 -14.12
CA LYS A 29 18.51 -3.80 -13.93
C LYS A 29 19.08 -4.75 -14.96
N ALA A 30 19.20 -4.28 -16.20
CA ALA A 30 19.72 -5.07 -17.29
C ALA A 30 21.16 -5.50 -17.02
N LYS A 31 21.98 -4.56 -16.57
CA LYS A 31 23.35 -4.86 -16.22
C LYS A 31 23.39 -5.87 -15.09
N ALA A 32 22.55 -5.66 -14.08
CA ALA A 32 22.48 -6.58 -12.95
C ALA A 32 22.03 -7.97 -13.40
N ARG A 33 21.05 -8.00 -14.28
CA ARG A 33 20.55 -9.26 -14.81
C ARG A 33 21.61 -9.98 -15.61
N ALA A 34 22.38 -9.24 -16.39
CA ALA A 34 23.42 -9.83 -17.21
C ALA A 34 24.49 -10.51 -16.35
N ILE A 35 24.88 -9.82 -15.26
CA ILE A 35 25.86 -10.37 -14.32
C ILE A 35 25.35 -11.61 -13.60
N LEU A 36 24.11 -11.53 -13.14
CA LEU A 36 23.38 -12.67 -12.58
C LEU A 36 23.05 -13.78 -13.60
N THR A 37 22.56 -13.41 -14.80
CA THR A 37 22.18 -14.38 -15.84
C THR A 37 23.41 -15.21 -16.25
N GLY A 38 24.59 -14.61 -16.27
CA GLY A 38 25.79 -15.28 -16.81
C GLY A 38 26.07 -14.96 -18.27
N LYS A 39 25.93 -13.69 -18.64
CA LYS A 39 26.12 -13.25 -20.03
C LYS A 39 27.18 -12.14 -20.11
N THR A 41 30.85 -13.96 -18.11
CA THR A 41 32.29 -14.19 -18.07
C THR A 41 33.06 -12.94 -17.65
N ASP A 42 32.84 -11.85 -18.38
CA ASP A 42 33.48 -10.57 -18.11
C ASP A 42 32.94 -9.97 -16.80
N LYS A 43 31.64 -10.16 -16.58
CA LYS A 43 30.96 -9.54 -15.45
C LYS A 43 30.88 -10.40 -14.20
N SER A 44 31.45 -11.59 -14.23
CA SER A 44 31.22 -12.56 -13.17
C SER A 44 31.56 -11.98 -11.79
N PRO A 45 30.68 -12.19 -10.81
CA PRO A 45 30.80 -11.56 -9.51
C PRO A 45 31.38 -12.49 -8.45
N PHE A 46 32.36 -11.99 -7.72
CA PHE A 46 32.92 -12.71 -6.59
C PHE A 46 31.76 -12.89 -5.64
N VAL A 47 31.59 -14.07 -5.08
CA VAL A 47 30.46 -14.31 -4.21
C VAL A 47 30.89 -14.51 -2.76
N ILE A 48 30.23 -13.79 -1.86
CA ILE A 48 30.46 -13.96 -0.44
C ILE A 48 29.34 -14.81 0.14
N TYR A 49 29.72 -15.98 0.64
CA TYR A 49 28.77 -16.89 1.31
C TYR A 49 29.24 -17.16 2.73
N ASP A 50 30.46 -16.73 3.03
CA ASP A 50 31.09 -17.00 4.32
C ASP A 50 32.03 -15.86 4.73
N MET A 51 32.32 -15.78 6.02
CA MET A 51 33.18 -14.72 6.56
C MET A 51 34.52 -14.65 5.84
N ASN A 52 35.08 -15.81 5.53
CA ASN A 52 36.37 -15.86 4.84
C ASN A 52 36.25 -15.28 3.44
N SER A 53 35.15 -15.59 2.77
CA SER A 53 34.86 -15.02 1.46
C SER A 53 34.66 -13.52 1.57
N LEU A 54 33.98 -13.09 2.62
CA LEU A 54 33.81 -11.67 2.92
C LEU A 54 35.17 -11.05 3.20
N MET A 55 35.98 -11.76 3.96
CA MET A 55 37.35 -11.34 4.23
C MET A 55 38.15 -11.36 2.94
N MET A 56 37.95 -12.39 2.14
CA MET A 56 38.59 -12.49 0.84
C MET A 56 38.14 -11.38 -0.08
N GLY A 57 36.85 -11.05 -0.01
CA GLY A 57 36.25 -10.06 -0.88
C GLY A 57 37.03 -8.75 -0.90
N GLU A 58 37.65 -8.41 0.22
CA GLU A 58 38.37 -7.15 0.33
C GLU A 58 39.43 -7.06 -0.76
N ASP A 59 40.08 -8.19 -1.04
CA ASP A 59 41.18 -8.23 -2.00
C ASP A 59 40.79 -7.77 -3.39
N LYS A 60 39.60 -8.17 -3.84
CA LYS A 60 39.15 -7.85 -5.20
C LYS A 60 37.97 -6.88 -5.25
N ILE A 61 37.28 -6.70 -4.13
CA ILE A 61 36.08 -5.85 -4.12
C ILE A 61 36.30 -4.62 -3.26
N LYS A 62 35.47 -3.61 -3.50
CA LYS A 62 35.52 -2.36 -2.74
C LYS A 62 34.49 -2.34 -1.61
N LYS A 74 36.23 -3.10 12.18
CA LYS A 74 35.34 -3.30 13.32
C LYS A 74 34.55 -4.61 13.19
N GLU A 75 33.35 -4.65 13.76
CA GLU A 75 32.50 -5.83 13.67
C GLU A 75 32.01 -6.09 12.24
N VAL A 76 32.01 -7.35 11.85
CA VAL A 76 31.57 -7.75 10.50
C VAL A 76 30.10 -7.44 10.23
N ALA A 77 29.24 -7.74 11.21
CA ALA A 77 27.81 -7.49 11.09
C ALA A 77 27.54 -6.00 10.98
N ILE A 78 28.27 -5.24 11.78
CA ILE A 78 28.19 -3.78 11.79
C ILE A 78 28.81 -3.22 10.52
N ARG A 79 29.94 -3.78 10.11
CA ARG A 79 30.64 -3.31 8.93
C ARG A 79 29.77 -3.46 7.69
N ILE A 80 29.12 -4.61 7.59
CA ILE A 80 28.16 -4.88 6.51
C ILE A 80 26.93 -3.97 6.57
N PHE A 81 26.39 -3.78 7.76
CA PHE A 81 25.27 -2.89 7.97
C PHE A 81 25.73 -1.45 7.62
N GLN A 82 26.95 -1.09 8.00
CA GLN A 82 27.54 0.22 7.68
C GLN A 82 27.67 0.39 6.17
N GLY A 83 27.99 -0.70 5.49
CA GLY A 83 28.13 -0.67 4.04
C GLY A 83 26.85 -0.26 3.35
N CYS A 84 25.73 -0.80 3.83
CA CYS A 84 24.43 -0.46 3.28
C CYS A 84 24.10 1.02 3.51
N GLN A 85 24.43 1.52 4.69
CA GLN A 85 24.13 2.91 5.05
C GLN A 85 24.88 3.88 4.14
N PHE A 86 26.14 3.58 3.88
CA PHE A 86 26.93 4.35 2.91
C PHE A 86 26.38 4.21 1.50
N ARG A 87 25.98 2.99 1.15
CA ARG A 87 25.40 2.71 -0.15
C ARG A 87 24.04 3.37 -0.31
N SER A 88 23.24 3.37 0.74
CA SER A 88 21.93 4.00 0.70
C SER A 88 22.11 5.49 0.42
N VAL A 89 23.14 6.08 1.04
CA VAL A 89 23.46 7.48 0.83
C VAL A 89 23.74 7.70 -0.65
N GLU A 90 24.44 6.75 -1.24
CA GLU A 90 24.75 6.82 -2.67
C GLU A 90 23.47 6.73 -3.49
N ALA A 91 22.56 5.86 -3.09
CA ALA A 91 21.27 5.73 -3.76
C ALA A 91 20.42 6.98 -3.64
N VAL A 92 20.43 7.59 -2.47
CA VAL A 92 19.66 8.80 -2.24
C VAL A 92 20.10 9.88 -3.21
N GLN A 93 21.42 10.00 -3.38
CA GLN A 93 22.01 10.99 -4.27
C GLN A 93 21.59 10.76 -5.71
N GLU A 94 21.60 9.49 -6.13
CA GLU A 94 21.17 9.12 -7.47
C GLU A 94 19.67 9.31 -7.65
N ILE A 95 18.89 8.90 -6.67
CA ILE A 95 17.45 9.08 -6.71
C ILE A 95 17.10 10.56 -6.75
N THR A 96 17.80 11.35 -5.93
CA THR A 96 17.57 12.78 -5.87
C THR A 96 17.89 13.43 -7.21
N GLU A 97 18.96 12.95 -7.84
CA GLU A 97 19.35 13.46 -9.16
C GLU A 97 18.30 13.09 -10.19
N TYR A 98 17.82 11.86 -10.13
CA TYR A 98 16.79 11.39 -11.04
C TYR A 98 15.50 12.17 -10.82
N ALA A 99 15.19 12.46 -9.55
CA ALA A 99 13.94 13.10 -9.19
C ALA A 99 13.81 14.48 -9.82
N LYS A 100 14.93 15.20 -9.87
CA LYS A 100 14.97 16.52 -10.45
C LYS A 100 14.62 16.44 -11.93
N SER A 101 15.03 15.33 -12.55
CA SER A 101 14.78 15.10 -13.96
C SER A 101 13.29 15.05 -14.23
N ILE A 102 12.54 14.44 -13.31
CA ILE A 102 11.11 14.27 -13.52
C ILE A 102 10.48 15.61 -13.83
N PRO A 103 9.71 15.68 -14.94
CA PRO A 103 9.15 16.97 -15.32
C PRO A 103 8.30 17.59 -14.24
N GLY A 104 8.65 18.80 -13.84
CA GLY A 104 7.84 19.59 -12.91
C GLY A 104 8.08 19.32 -11.44
N PHE A 105 8.94 18.36 -11.13
CA PHE A 105 9.27 18.10 -9.74
C PHE A 105 10.04 19.27 -9.15
N VAL A 106 10.97 19.82 -9.93
CA VAL A 106 11.79 20.93 -9.44
C VAL A 106 10.89 22.12 -9.12
N ASN A 107 9.89 22.32 -9.97
CA ASN A 107 8.98 23.45 -9.87
C ASN A 107 8.21 23.49 -8.57
N LEU A 108 7.96 22.31 -8.00
CA LEU A 108 7.15 22.17 -6.80
C LEU A 108 7.79 22.91 -5.64
N ASP A 109 6.99 23.20 -4.63
CA ASP A 109 7.46 23.95 -3.48
C ASP A 109 8.60 23.18 -2.83
N LEU A 110 9.62 23.93 -2.43
CA LEU A 110 10.85 23.33 -1.97
C LEU A 110 10.60 22.35 -0.83
N ASN A 111 9.69 22.72 0.06
CA ASN A 111 9.34 21.85 1.17
C ASN A 111 8.71 20.57 0.68
N ASP A 112 7.84 20.69 -0.32
CA ASP A 112 7.24 19.52 -0.92
C ASP A 112 8.29 18.65 -1.62
N GLN A 113 9.26 19.28 -2.28
CA GLN A 113 10.33 18.54 -2.95
C GLN A 113 11.15 17.73 -1.95
N VAL A 114 11.45 18.36 -0.83
CA VAL A 114 12.13 17.70 0.28
C VAL A 114 11.27 16.61 0.93
N THR A 115 9.99 16.92 1.12
CA THR A 115 9.04 15.96 1.71
C THR A 115 8.80 14.72 0.85
N LEU A 116 8.67 14.93 -0.46
CA LEU A 116 8.45 13.85 -1.40
C LEU A 116 9.67 12.94 -1.51
N LEU A 117 10.84 13.56 -1.55
CA LEU A 117 12.08 12.82 -1.63
C LEU A 117 12.35 12.02 -0.35
N LYS A 118 12.11 12.63 0.80
CA LYS A 118 12.35 11.95 2.08
C LYS A 118 11.49 10.69 2.22
N TYR A 119 10.19 10.84 2.01
CA TYR A 119 9.29 9.70 2.07
C TYR A 119 9.49 8.75 0.89
N GLY A 120 9.66 9.32 -0.29
CA GLY A 120 9.76 8.54 -1.51
C GLY A 120 11.01 7.69 -1.68
N VAL A 121 12.14 8.18 -1.17
CA VAL A 121 13.45 7.62 -1.49
C VAL A 121 13.64 6.17 -1.04
N HIS A 122 13.23 5.86 0.18
CA HIS A 122 13.44 4.52 0.71
C HIS A 122 12.63 3.48 -0.06
N GLU A 123 11.43 3.84 -0.45
CA GLU A 123 10.57 2.92 -1.22
C GLU A 123 11.21 2.60 -2.56
N ILE A 124 11.75 3.63 -3.20
CA ILE A 124 12.43 3.48 -4.48
C ILE A 124 13.68 2.62 -4.35
N ILE A 125 14.43 2.81 -3.27
CA ILE A 125 15.66 2.08 -3.04
C ILE A 125 15.39 0.58 -3.01
N TYR A 126 14.36 0.19 -2.28
CA TYR A 126 13.95 -1.20 -2.18
C TYR A 126 13.47 -1.75 -3.51
N THR A 127 12.70 -0.96 -4.24
CA THR A 127 12.23 -1.35 -5.56
C THR A 127 13.41 -1.50 -6.50
N MET A 128 14.29 -0.51 -6.46
CA MET A 128 15.52 -0.50 -7.24
C MET A 128 16.44 -1.64 -6.82
N LEU A 129 16.44 -1.94 -5.53
CA LEU A 129 17.29 -2.98 -5.00
C LEU A 129 16.92 -4.33 -5.63
N ALA A 130 15.63 -4.53 -5.83
CA ALA A 130 15.13 -5.81 -6.33
C ALA A 130 15.87 -6.25 -7.59
N SER A 131 16.26 -5.30 -8.43
CA SER A 131 16.94 -5.61 -9.67
C SER A 131 18.22 -6.39 -9.41
N LEU A 132 18.93 -6.02 -8.35
CA LEU A 132 20.15 -6.72 -7.95
C LEU A 132 19.85 -8.14 -7.41
N MET A 133 18.76 -8.25 -6.66
CA MET A 133 18.42 -9.46 -5.94
C MET A 133 17.90 -10.60 -6.81
N ASN A 134 18.26 -11.80 -6.39
CA ASN A 134 17.73 -13.07 -6.88
C ASN A 134 17.53 -13.91 -5.62
N LYS A 135 16.63 -14.88 -5.68
CA LYS A 135 16.28 -15.62 -4.47
C LYS A 135 17.51 -15.93 -3.62
N ASP A 136 18.60 -16.36 -4.26
CA ASP A 136 19.85 -16.69 -3.55
C ASP A 136 20.59 -15.51 -2.94
N GLY A 137 20.70 -14.39 -3.66
CA GLY A 137 21.56 -13.29 -3.19
C GLY A 137 21.35 -11.93 -3.81
N VAL A 138 22.05 -10.96 -3.26
CA VAL A 138 21.97 -9.57 -3.75
C VAL A 138 23.35 -9.06 -4.17
N LEU A 139 23.39 -8.43 -5.34
CA LEU A 139 24.63 -7.86 -5.88
C LEU A 139 25.13 -6.72 -5.02
N ILE A 140 26.46 -6.59 -4.92
CA ILE A 140 27.06 -5.57 -4.07
C ILE A 140 28.23 -4.91 -4.76
N SER A 141 28.60 -3.73 -4.26
CA SER A 141 29.79 -3.02 -4.74
C SER A 141 29.81 -2.79 -6.25
N GLU A 142 28.70 -2.29 -6.78
CA GLU A 142 28.63 -1.98 -8.21
C GLU A 142 28.53 -3.23 -9.08
N GLY A 143 28.07 -4.32 -8.47
CA GLY A 143 27.95 -5.59 -9.17
C GLY A 143 29.26 -6.35 -9.22
N GLN A 144 30.28 -5.80 -8.58
CA GLN A 144 31.58 -6.43 -8.52
C GLN A 144 31.48 -7.74 -7.75
N GLY A 145 30.67 -7.73 -6.71
CA GLY A 145 30.53 -8.91 -5.87
C GLY A 145 29.08 -9.28 -5.62
N PHE A 146 28.85 -10.54 -5.29
CA PHE A 146 27.52 -11.03 -5.00
C PHE A 146 27.51 -11.55 -3.57
N MET A 147 26.55 -11.10 -2.78
CA MET A 147 26.44 -11.49 -1.39
C MET A 147 25.27 -12.44 -1.22
N THR A 148 25.53 -13.61 -0.62
CA THR A 148 24.52 -14.62 -0.43
C THR A 148 23.43 -14.16 0.54
N ARG A 149 22.19 -14.52 0.23
CA ARG A 149 21.07 -14.15 1.07
C ARG A 149 21.25 -14.77 2.45
N GLU A 150 21.72 -16.01 2.46
CA GLU A 150 21.94 -16.75 3.70
C GLU A 150 22.93 -16.05 4.60
N PHE A 151 23.98 -15.51 4.01
CA PHE A 151 25.04 -14.85 4.76
C PHE A 151 24.47 -13.65 5.53
N LEU A 152 23.65 -12.85 4.85
CA LEU A 152 22.97 -11.71 5.48
C LEU A 152 22.01 -12.21 6.55
N LYS A 153 21.34 -13.33 6.25
CA LYS A 153 20.45 -13.98 7.20
C LYS A 153 21.21 -14.47 8.42
N SER A 154 22.44 -14.93 8.18
CA SER A 154 23.31 -15.47 9.21
C SER A 154 23.75 -14.40 10.22
N LEU A 155 23.67 -13.14 9.82
CA LEU A 155 24.21 -12.07 10.63
C LEU A 155 23.60 -12.05 12.02
N ARG A 156 24.44 -11.79 13.02
CA ARG A 156 24.04 -11.87 14.41
C ARG A 156 22.95 -10.87 14.72
N LYS A 157 21.99 -11.30 15.53
CA LYS A 157 20.85 -10.46 15.89
C LYS A 157 21.38 -9.19 16.52
N PRO A 158 20.68 -8.06 16.29
CA PRO A 158 19.45 -7.97 15.53
C PRO A 158 19.66 -7.74 14.03
N PHE A 159 20.92 -7.70 13.60
CA PHE A 159 21.25 -7.30 12.23
C PHE A 159 20.95 -8.33 11.12
N GLY A 160 20.75 -9.59 11.49
CA GLY A 160 20.57 -10.65 10.50
C GLY A 160 19.33 -10.55 9.62
N ASP A 161 18.18 -10.36 10.24
CA ASP A 161 16.94 -10.25 9.49
C ASP A 161 16.64 -8.79 9.14
N PHE A 162 17.60 -8.15 8.48
CA PHE A 162 17.43 -6.78 8.02
C PHE A 162 17.18 -6.77 6.51
N MET A 163 17.72 -7.78 5.82
CA MET A 163 17.52 -7.91 4.38
C MET A 163 16.56 -9.05 4.04
N GLU A 164 16.03 -9.69 5.07
CA GLU A 164 15.11 -10.80 4.88
C GLU A 164 13.78 -10.34 4.29
N PRO A 165 13.26 -9.21 4.77
CA PRO A 165 12.04 -8.62 4.20
C PRO A 165 12.24 -8.16 2.76
N LYS A 166 13.40 -7.58 2.48
CA LYS A 166 13.71 -7.06 1.15
C LYS A 166 13.74 -8.16 0.11
N PHE A 167 14.32 -9.31 0.49
CA PHE A 167 14.44 -10.44 -0.43
C PHE A 167 13.09 -10.98 -0.87
N GLU A 168 12.16 -11.05 0.07
CA GLU A 168 10.82 -11.56 -0.23
C GLU A 168 10.14 -10.64 -1.22
N PHE A 169 10.22 -9.34 -0.96
CA PHE A 169 9.62 -8.33 -1.83
C PHE A 169 10.29 -8.46 -3.16
N ALA A 170 11.59 -8.72 -3.09
CA ALA A 170 12.39 -8.86 -4.29
C ALA A 170 11.94 -10.02 -5.20
N VAL A 171 11.62 -11.21 -4.70
CA VAL A 171 11.13 -12.30 -5.58
C VAL A 171 9.74 -12.01 -6.19
N LYS A 172 8.90 -11.46 -5.30
CA LYS A 172 7.51 -11.10 -5.62
C LYS A 172 7.40 -10.00 -6.63
N PHE A 173 8.20 -8.96 -6.40
CA PHE A 173 8.30 -7.86 -7.32
C PHE A 173 9.05 -8.25 -8.58
N ASN A 174 10.11 -9.03 -8.43
CA ASN A 174 10.88 -9.46 -9.59
C ASN A 174 9.98 -10.22 -10.53
N ALA A 175 9.09 -11.01 -9.95
CA ALA A 175 8.17 -11.85 -10.71
C ALA A 175 7.52 -11.07 -11.83
N LEU A 176 7.39 -9.76 -11.62
CA LEU A 176 6.78 -8.89 -12.60
C LEU A 176 7.51 -8.88 -13.91
N GLU A 177 8.83 -9.02 -13.85
CA GLU A 177 9.65 -9.05 -15.07
C GLU A 177 9.73 -7.68 -15.72
N LEU A 178 9.60 -6.62 -14.92
CA LEU A 178 9.67 -5.27 -15.44
C LEU A 178 11.06 -4.97 -15.97
N ASP A 179 11.09 -4.31 -17.13
CA ASP A 179 12.31 -3.75 -17.74
C ASP A 179 12.64 -2.39 -17.16
N ASP A 180 13.88 -1.95 -17.37
CA ASP A 180 14.34 -0.66 -16.87
C ASP A 180 13.41 0.49 -17.23
N SER A 181 12.90 0.48 -18.46
CA SER A 181 12.02 1.54 -18.93
C SER A 181 10.74 1.58 -18.12
N ASP A 182 10.21 0.40 -17.81
CA ASP A 182 9.01 0.27 -17.00
C ASP A 182 9.26 0.75 -15.58
N LEU A 183 10.41 0.40 -15.03
CA LEU A 183 10.78 0.81 -13.67
C LEU A 183 10.93 2.32 -13.53
N ALA A 184 11.55 2.96 -14.51
CA ALA A 184 11.86 4.39 -14.43
C ALA A 184 10.62 5.23 -14.27
N ILE A 185 9.56 4.86 -14.98
CA ILE A 185 8.26 5.51 -14.83
C ILE A 185 7.65 5.19 -13.46
N PHE A 186 7.79 3.94 -13.03
CA PHE A 186 7.23 3.50 -11.76
C PHE A 186 7.86 4.20 -10.56
N ILE A 187 9.17 4.36 -10.59
CA ILE A 187 9.85 5.09 -9.53
C ILE A 187 9.38 6.54 -9.53
N ALA A 188 9.12 7.06 -10.72
CA ALA A 188 8.64 8.43 -10.87
C ALA A 188 7.30 8.62 -10.20
N VAL A 189 6.42 7.63 -10.36
CA VAL A 189 5.09 7.68 -9.76
C VAL A 189 5.22 7.69 -8.24
N ILE A 190 6.16 6.90 -7.73
CA ILE A 190 6.37 6.77 -6.30
C ILE A 190 6.81 8.08 -5.69
N ILE A 191 7.78 8.73 -6.32
CA ILE A 191 8.32 9.98 -5.80
C ILE A 191 7.25 11.08 -5.79
N LEU A 192 6.54 11.20 -6.90
CA LEU A 192 5.51 12.21 -7.01
C LEU A 192 4.21 11.68 -6.43
N SER A 193 4.18 11.53 -5.12
CA SER A 193 2.98 11.03 -4.45
C SER A 193 2.29 12.15 -3.69
N GLY A 194 1.03 12.41 -4.05
CA GLY A 194 0.23 13.42 -3.37
C GLY A 194 -0.02 13.12 -1.90
N ASP A 195 -0.25 11.87 -1.58
CA ASP A 195 -0.54 11.46 -0.20
C ASP A 195 0.73 11.29 0.60
N ARG A 196 1.41 12.40 0.88
CA ARG A 196 2.61 12.38 1.71
C ARG A 196 2.40 13.30 2.91
N PRO A 197 2.68 12.79 4.11
CA PRO A 197 2.58 13.63 5.31
C PRO A 197 3.39 14.92 5.21
N GLY A 198 2.80 16.04 5.63
CA GLY A 198 3.47 17.35 5.63
C GLY A 198 3.52 18.13 4.31
N LEU A 199 2.67 17.79 3.36
CA LEU A 199 2.68 18.46 2.07
C LEU A 199 1.89 19.76 2.12
N LEU A 200 2.50 20.85 1.67
CA LEU A 200 1.79 22.13 1.57
C LEU A 200 0.78 22.14 0.45
N ASN A 201 1.21 21.70 -0.73
CA ASN A 201 0.33 21.56 -1.88
C ASN A 201 0.29 20.14 -2.37
N VAL A 202 -0.92 19.57 -2.41
CA VAL A 202 -1.12 18.23 -2.96
C VAL A 202 -1.45 18.27 -4.46
N LYS A 203 -2.28 19.24 -4.88
CA LYS A 203 -2.82 19.27 -6.25
C LYS A 203 -1.75 19.33 -7.34
N PRO A 204 -0.72 20.15 -7.15
CA PRO A 204 0.36 20.17 -8.14
C PRO A 204 1.05 18.83 -8.28
N ILE A 205 1.29 18.18 -7.14
CA ILE A 205 1.87 16.85 -7.11
C ILE A 205 0.94 15.81 -7.73
N GLU A 206 -0.34 15.90 -7.42
CA GLU A 206 -1.33 14.95 -7.92
C GLU A 206 -1.48 14.98 -9.44
N ASP A 207 -1.47 16.19 -10.00
CA ASP A 207 -1.58 16.34 -11.45
C ASP A 207 -0.40 15.71 -12.19
N ILE A 208 0.80 15.91 -11.65
CA ILE A 208 2.01 15.36 -12.22
C ILE A 208 1.97 13.83 -12.20
N GLN A 209 1.47 13.28 -11.11
CA GLN A 209 1.41 11.83 -10.94
C GLN A 209 0.51 11.19 -11.98
N ASP A 210 -0.56 11.88 -12.34
CA ASP A 210 -1.49 11.35 -13.34
C ASP A 210 -0.79 11.14 -14.66
N ASN A 211 0.05 12.11 -15.04
CA ASN A 211 0.85 11.99 -16.25
C ASN A 211 1.80 10.81 -16.18
N LEU A 212 2.40 10.62 -15.03
CA LEU A 212 3.27 9.47 -14.80
C LEU A 212 2.44 8.20 -14.81
N LEU A 213 1.29 8.25 -14.17
CA LEU A 213 0.39 7.11 -14.14
C LEU A 213 -0.11 6.80 -15.54
N GLN A 214 -0.46 7.84 -16.29
CA GLN A 214 -0.90 7.68 -17.67
C GLN A 214 0.21 7.09 -18.56
N ALA A 215 1.41 7.59 -18.37
CA ALA A 215 2.57 7.14 -19.14
C ALA A 215 2.92 5.70 -18.79
N LEU A 216 2.88 5.39 -17.50
CA LEU A 216 3.19 4.06 -17.02
C LEU A 216 2.20 3.06 -17.59
N GLU A 217 0.92 3.44 -17.58
CA GLU A 217 -0.13 2.55 -18.03
C GLU A 217 0.03 2.20 -19.49
N LEU A 218 0.32 3.20 -20.32
CA LEU A 218 0.59 2.96 -21.74
C LEU A 218 1.84 2.13 -21.92
N GLN A 219 2.86 2.44 -21.13
CA GLN A 219 4.16 1.77 -21.25
C GLN A 219 4.08 0.28 -20.96
N LEU A 220 3.32 -0.10 -19.94
CA LEU A 220 3.18 -1.50 -19.58
C LEU A 220 2.43 -2.23 -20.68
N LYS A 221 1.37 -1.62 -21.19
CA LYS A 221 0.55 -2.22 -22.23
C LYS A 221 1.39 -2.44 -23.48
N LEU A 222 2.10 -1.41 -23.88
CA LEU A 222 2.94 -1.57 -25.02
C LEU A 222 4.09 -2.52 -24.82
N ASN A 223 4.76 -2.40 -23.68
CA ASN A 223 5.89 -3.25 -23.27
C ASN A 223 5.56 -4.71 -22.97
N HIS A 224 4.45 -4.88 -22.27
CA HIS A 224 4.06 -6.18 -21.80
C HIS A 224 2.61 -6.36 -22.21
N PRO A 225 2.41 -6.51 -23.51
CA PRO A 225 1.08 -6.71 -24.06
C PRO A 225 0.44 -8.00 -23.56
N GLU A 226 1.23 -9.06 -23.50
CA GLU A 226 0.73 -10.35 -23.04
C GLU A 226 0.32 -10.32 -21.59
N SER A 227 1.08 -9.60 -20.77
CA SER A 227 0.75 -9.46 -19.35
C SER A 227 -0.58 -8.71 -19.17
N SER A 228 -1.38 -9.18 -18.22
CA SER A 228 -2.70 -8.60 -17.99
C SER A 228 -2.79 -7.96 -16.61
N GLN A 229 -3.30 -6.74 -16.58
CA GLN A 229 -3.43 -5.99 -15.34
C GLN A 229 -2.08 -5.78 -14.68
N LEU A 230 -1.04 -5.63 -15.51
CA LEU A 230 0.28 -5.37 -14.99
C LEU A 230 0.27 -4.04 -14.26
N PHE A 231 -0.45 -3.08 -14.81
CA PHE A 231 -0.54 -1.77 -14.19
C PHE A 231 -1.16 -1.87 -12.81
N ALA A 232 -2.26 -2.62 -12.72
CA ALA A 232 -2.92 -2.84 -11.45
C ALA A 232 -2.03 -3.63 -10.50
N LYS A 233 -1.38 -4.66 -11.03
CA LYS A 233 -0.50 -5.50 -10.22
C LYS A 233 0.71 -4.71 -9.72
N LEU A 234 1.28 -3.90 -10.59
CA LEU A 234 2.42 -3.07 -10.23
C LEU A 234 2.05 -2.03 -9.18
N LEU A 235 0.89 -1.40 -9.37
CA LEU A 235 0.39 -0.40 -8.44
C LEU A 235 0.12 -1.00 -7.08
N GLN A 236 -0.29 -2.26 -7.07
CA GLN A 236 -0.49 -2.96 -5.81
C GLN A 236 0.81 -3.06 -5.04
N LYS A 237 1.91 -3.27 -5.77
CA LYS A 237 3.21 -3.45 -5.15
C LYS A 237 3.53 -2.37 -4.13
N MET A 238 2.93 -1.20 -4.32
CA MET A 238 3.23 -0.06 -3.47
C MET A 238 2.97 -0.33 -1.99
N THR A 239 1.89 -1.07 -1.71
CA THR A 239 1.54 -1.39 -0.34
C THR A 239 2.69 -2.14 0.34
N ASP A 240 3.30 -3.05 -0.43
CA ASP A 240 4.41 -3.85 0.07
C ASP A 240 5.62 -2.98 0.39
N LEU A 241 5.88 -2.01 -0.46
CA LEU A 241 7.03 -1.10 -0.28
C LEU A 241 6.87 -0.27 0.99
N ARG A 242 5.66 0.22 1.24
CA ARG A 242 5.37 0.96 2.46
C ARG A 242 5.52 0.10 3.70
N GLN A 243 5.07 -1.15 3.61
CA GLN A 243 5.19 -2.10 4.71
C GLN A 243 6.66 -2.37 5.05
N ILE A 244 7.48 -2.47 4.01
CA ILE A 244 8.91 -2.73 4.18
C ILE A 244 9.62 -1.56 4.87
N VAL A 245 9.25 -0.35 4.47
CA VAL A 245 9.85 0.86 5.04
C VAL A 245 9.51 1.00 6.53
N THR A 246 8.26 0.69 6.88
CA THR A 246 7.82 0.77 8.27
C THR A 246 8.56 -0.26 9.12
N GLU A 247 8.75 -1.45 8.58
CA GLU A 247 9.47 -2.51 9.27
C GLU A 247 10.93 -2.14 9.51
N HIS A 248 11.56 -1.54 8.51
CA HIS A 248 12.95 -1.14 8.59
C HIS A 248 13.17 -0.09 9.69
N VAL A 249 12.23 0.84 9.79
CA VAL A 249 12.33 1.91 10.78
C VAL A 249 12.28 1.34 12.19
N GLN A 250 11.41 0.34 12.38
CA GLN A 250 11.29 -0.33 13.67
C GLN A 250 12.58 -1.04 13.99
N LEU A 251 13.14 -1.71 12.99
CA LEU A 251 14.42 -2.40 13.14
C LEU A 251 15.53 -1.40 13.47
N LEU A 252 15.50 -0.25 12.81
CA LEU A 252 16.51 0.78 13.02
C LEU A 252 16.48 1.27 14.46
N GLN A 253 15.28 1.41 15.01
CA GLN A 253 15.13 1.92 16.37
C GLN A 253 15.83 1.02 17.39
N VAL A 254 15.70 -0.29 17.19
CA VAL A 254 16.33 -1.27 18.07
C VAL A 254 17.86 -1.21 17.91
N ILE A 255 18.32 -0.99 16.67
CA ILE A 255 19.75 -0.97 16.39
C ILE A 255 20.42 0.15 17.17
N LYS A 256 19.77 1.31 17.21
CA LYS A 256 20.32 2.47 17.90
C LYS A 256 20.48 2.23 19.41
N LYS A 257 19.43 1.71 20.03
CA LYS A 257 19.46 1.43 21.46
C LYS A 257 20.43 0.29 21.76
N THR A 258 20.34 -0.77 20.96
CA THR A 258 21.20 -1.94 21.12
C THR A 258 22.67 -1.58 20.89
N GLU A 259 22.92 -0.76 19.87
CA GLU A 259 24.27 -0.28 19.60
C GLU A 259 24.32 1.23 19.79
N THR A 260 24.70 1.66 20.99
CA THR A 260 24.88 3.08 21.27
C THR A 260 26.06 3.61 20.44
N ASP A 261 27.10 2.78 20.35
CA ASP A 261 28.33 3.13 19.64
C ASP A 261 28.14 3.39 18.14
N MET A 262 27.25 2.62 17.51
CA MET A 262 27.07 2.68 16.06
C MET A 262 26.57 4.05 15.62
N SER A 263 27.09 4.53 14.48
CA SER A 263 26.74 5.86 13.99
C SER A 263 26.01 5.81 12.66
N LEU A 264 24.96 6.61 12.55
CA LEU A 264 24.12 6.66 11.35
C LEU A 264 24.42 7.89 10.52
N HIS A 265 24.40 7.71 9.20
CA HIS A 265 24.72 8.80 8.30
C HIS A 265 23.75 9.96 8.51
N PRO A 266 24.26 11.19 8.51
CA PRO A 266 23.43 12.35 8.79
C PRO A 266 22.31 12.51 7.80
N LEU A 267 22.60 12.35 6.52
CA LEU A 267 21.60 12.40 5.48
C LEU A 267 20.52 11.34 5.70
N LEU A 268 20.96 10.14 6.08
CA LEU A 268 20.04 9.04 6.35
C LEU A 268 19.21 9.32 7.57
N GLN A 269 19.83 9.89 8.58
CA GLN A 269 19.15 10.20 9.83
C GLN A 269 18.05 11.25 9.62
N GLU A 270 18.34 12.23 8.77
CA GLU A 270 17.41 13.32 8.51
C GLU A 270 16.11 12.79 7.89
N ILE A 271 16.27 11.87 6.92
CA ILE A 271 15.15 11.18 6.26
C ILE A 271 14.40 10.38 7.34
N TYR A 272 15.14 9.77 8.27
CA TYR A 272 14.50 8.88 9.25
C TYR A 272 13.49 9.59 10.16
N LYS A 273 13.79 10.82 10.51
CA LYS A 273 13.10 11.52 11.58
C LYS A 273 11.58 11.50 11.57
N ASP A 274 11.00 11.62 10.39
CA ASP A 274 9.55 11.64 10.25
C ASP A 274 8.96 12.97 10.69
N GLU B 6 -16.64 -10.54 -24.22
CA GLU B 6 -16.26 -9.14 -24.57
C GLU B 6 -16.42 -8.21 -23.38
N SER B 7 -16.52 -6.92 -23.67
CA SER B 7 -16.76 -5.88 -22.67
C SER B 7 -18.10 -6.09 -21.94
N ALA B 8 -19.08 -6.65 -22.65
CA ALA B 8 -20.41 -6.86 -22.08
C ALA B 8 -20.33 -7.71 -20.81
N ASP B 9 -19.42 -8.68 -20.82
CA ASP B 9 -19.22 -9.56 -19.67
C ASP B 9 -18.81 -8.73 -18.43
N LEU B 10 -17.94 -7.76 -18.65
CA LEU B 10 -17.49 -6.89 -17.57
C LEU B 10 -18.67 -6.06 -17.04
N ARG B 11 -19.47 -5.54 -17.96
CA ARG B 11 -20.67 -4.81 -17.59
C ARG B 11 -21.68 -5.72 -16.89
N ALA B 12 -21.81 -6.94 -17.39
CA ALA B 12 -22.68 -7.94 -16.78
C ALA B 12 -22.22 -8.23 -15.38
N LEU B 13 -20.91 -8.39 -15.24
CA LEU B 13 -20.31 -8.64 -13.93
C LEU B 13 -20.53 -7.44 -13.01
N ALA B 14 -20.38 -6.24 -13.56
CA ALA B 14 -20.54 -5.03 -12.77
C ALA B 14 -21.96 -4.88 -12.23
N LYS B 15 -22.94 -5.13 -13.07
CA LYS B 15 -24.34 -5.06 -12.64
C LYS B 15 -24.62 -6.15 -11.61
N HIS B 16 -24.10 -7.34 -11.86
CA HIS B 16 -24.33 -8.46 -10.98
C HIS B 16 -23.79 -8.18 -9.58
N LEU B 17 -22.60 -7.59 -9.51
CA LEU B 17 -22.02 -7.21 -8.24
C LEU B 17 -22.85 -6.13 -7.57
N TYR B 18 -23.32 -5.17 -8.35
CA TYR B 18 -24.15 -4.09 -7.81
C TYR B 18 -25.44 -4.63 -7.19
N ASP B 19 -26.08 -5.56 -7.88
CA ASP B 19 -27.29 -6.15 -7.36
C ASP B 19 -27.00 -6.89 -6.06
N SER B 20 -25.91 -7.65 -6.06
CA SER B 20 -25.48 -8.39 -4.88
C SER B 20 -25.08 -7.44 -3.75
N TYR B 21 -24.40 -6.36 -4.10
CA TYR B 21 -23.96 -5.38 -3.14
C TYR B 21 -25.15 -4.72 -2.46
N ILE B 22 -26.15 -4.37 -3.25
CA ILE B 22 -27.36 -3.75 -2.71
C ILE B 22 -28.13 -4.71 -1.82
N LYS B 23 -28.32 -5.94 -2.28
CA LYS B 23 -29.00 -6.96 -1.48
C LYS B 23 -28.22 -7.28 -0.22
N SER B 24 -26.90 -7.42 -0.35
CA SER B 24 -26.03 -7.77 0.76
C SER B 24 -26.02 -6.73 1.88
N PHE B 25 -26.02 -5.45 1.52
CA PHE B 25 -25.87 -4.38 2.49
C PHE B 25 -27.16 -3.60 2.68
N PRO B 26 -27.58 -3.43 3.93
CA PRO B 26 -28.81 -2.74 4.23
C PRO B 26 -28.71 -1.27 3.90
N LEU B 27 -27.58 -0.67 4.25
CA LEU B 27 -27.39 0.76 4.10
C LEU B 27 -26.34 1.02 3.03
N THR B 28 -26.67 1.92 2.11
CA THR B 28 -25.84 2.18 0.95
C THR B 28 -25.29 3.60 0.99
N LYS B 29 -24.22 3.86 0.24
CA LYS B 29 -23.60 5.17 0.25
C LYS B 29 -24.61 6.22 -0.17
N ALA B 30 -25.42 5.91 -1.17
CA ALA B 30 -26.47 6.85 -1.58
C ALA B 30 -27.46 7.07 -0.45
N LYS B 31 -27.87 5.99 0.20
CA LYS B 31 -28.76 6.07 1.36
C LYS B 31 -28.08 6.81 2.50
N ALA B 32 -26.81 6.51 2.72
CA ALA B 32 -26.02 7.22 3.73
C ALA B 32 -25.86 8.68 3.33
N ARG B 33 -25.72 8.91 2.03
CA ARG B 33 -25.51 10.26 1.53
C ARG B 33 -26.67 11.16 1.69
N ALA B 34 -27.82 10.58 1.47
CA ALA B 34 -29.06 11.29 1.56
C ALA B 34 -29.33 11.77 2.99
N ILE B 35 -28.97 10.96 3.97
CA ILE B 35 -29.06 11.31 5.38
C ILE B 35 -28.09 12.39 5.87
N LEU B 36 -26.82 12.31 5.46
CA LEU B 36 -25.82 13.32 5.81
C LEU B 36 -26.07 14.60 5.03
N THR B 37 -26.30 14.47 3.74
CA THR B 37 -26.70 15.60 2.91
C THR B 37 -28.05 16.15 3.36
N GLY B 38 -28.95 15.23 3.68
CA GLY B 38 -30.33 15.58 4.07
C GLY B 38 -31.30 15.46 2.90
N LYS B 39 -32.40 14.76 3.13
CA LYS B 39 -33.40 14.53 2.09
C LYS B 39 -34.42 13.49 2.54
N ASP B 42 -37.09 10.08 6.06
CA ASP B 42 -36.70 11.47 5.87
C ASP B 42 -36.55 12.21 7.19
N LYS B 43 -36.20 11.48 8.24
CA LYS B 43 -36.06 12.06 9.58
C LYS B 43 -34.60 12.07 10.00
N SER B 44 -34.14 13.21 10.48
CA SER B 44 -32.72 13.37 10.79
C SER B 44 -32.26 12.38 11.84
N PRO B 45 -31.09 11.78 11.61
CA PRO B 45 -30.55 10.83 12.57
C PRO B 45 -30.30 11.50 13.92
N PHE B 46 -30.58 10.79 15.00
CA PHE B 46 -30.35 11.33 16.33
C PHE B 46 -28.86 11.57 16.44
N VAL B 47 -28.48 12.70 16.99
CA VAL B 47 -27.07 13.08 17.03
C VAL B 47 -26.51 13.05 18.44
N ILE B 48 -25.41 12.32 18.62
CA ILE B 48 -24.72 12.30 19.88
C ILE B 48 -23.47 13.17 19.76
N TYR B 49 -23.47 14.25 20.51
CA TYR B 49 -22.32 15.14 20.65
C TYR B 49 -21.83 15.16 22.10
N ASP B 50 -22.64 14.61 22.99
CA ASP B 50 -22.41 14.72 24.43
C ASP B 50 -22.75 13.44 25.16
N MET B 51 -22.22 13.32 26.36
CA MET B 51 -22.39 12.13 27.16
C MET B 51 -23.88 11.92 27.40
N ASN B 52 -24.58 13.02 27.63
CA ASN B 52 -26.03 12.98 27.83
C ASN B 52 -26.74 12.50 26.58
N SER B 53 -26.33 13.02 25.43
CA SER B 53 -26.96 12.67 24.16
C SER B 53 -26.82 11.19 23.90
N LEU B 54 -25.65 10.65 24.20
CA LEU B 54 -25.41 9.21 24.07
C LEU B 54 -26.33 8.43 24.97
N MET B 55 -26.50 8.91 26.20
CA MET B 55 -27.43 8.30 27.14
C MET B 55 -28.86 8.43 26.61
N MET B 56 -29.16 9.59 26.07
CA MET B 56 -30.44 9.80 25.40
C MET B 56 -30.52 8.87 24.19
N GLY B 57 -29.38 8.72 23.52
CA GLY B 57 -29.29 7.95 22.28
C GLY B 57 -29.73 6.50 22.41
N GLU B 58 -29.38 5.89 23.53
CA GLU B 58 -29.70 4.47 23.74
C GLU B 58 -31.20 4.23 23.73
N ASP B 59 -31.92 5.09 24.42
CA ASP B 59 -33.38 4.97 24.54
C ASP B 59 -34.07 5.34 23.24
N LYS B 60 -33.60 6.41 22.61
CA LYS B 60 -34.18 6.81 21.34
C LYS B 60 -34.04 5.65 20.38
N ILE B 61 -32.91 4.94 20.47
CA ILE B 61 -32.65 3.79 19.61
C ILE B 61 -32.52 2.51 20.44
N GLU B 75 -17.05 2.30 30.48
CA GLU B 75 -18.39 2.79 30.74
C GLU B 75 -18.85 3.75 29.64
N VAL B 76 -18.45 5.00 29.73
CA VAL B 76 -18.75 5.93 28.65
C VAL B 76 -17.91 5.60 27.42
N ALA B 77 -16.60 5.48 27.60
CA ALA B 77 -15.69 5.27 26.47
C ALA B 77 -15.73 3.81 26.01
N ILE B 78 -15.70 2.89 26.96
CA ILE B 78 -15.63 1.46 26.65
C ILE B 78 -16.85 0.92 25.91
N ARG B 79 -18.04 1.38 26.32
CA ARG B 79 -19.29 0.87 25.75
C ARG B 79 -19.42 1.17 24.26
N ILE B 80 -19.01 2.37 23.87
CA ILE B 80 -19.12 2.81 22.48
C ILE B 80 -18.26 1.96 21.54
N PHE B 81 -17.05 1.62 21.99
CA PHE B 81 -16.14 0.80 21.20
C PHE B 81 -16.75 -0.57 20.95
N GLN B 82 -17.41 -1.11 21.98
CA GLN B 82 -18.02 -2.42 21.89
C GLN B 82 -19.08 -2.42 20.79
N GLY B 83 -19.84 -1.34 20.71
CA GLY B 83 -20.87 -1.21 19.69
C GLY B 83 -20.29 -1.32 18.30
N CYS B 84 -19.14 -0.68 18.09
CA CYS B 84 -18.44 -0.76 16.81
C CYS B 84 -18.00 -2.18 16.51
N GLN B 85 -17.48 -2.84 17.53
CA GLN B 85 -17.10 -4.25 17.40
C GLN B 85 -18.32 -5.12 17.11
N PHE B 86 -19.42 -4.83 17.79
CA PHE B 86 -20.66 -5.55 17.58
C PHE B 86 -21.18 -5.34 16.17
N ARG B 87 -21.12 -4.09 15.71
CA ARG B 87 -21.54 -3.77 14.36
C ARG B 87 -20.65 -4.47 13.33
N SER B 88 -19.36 -4.51 13.61
CA SER B 88 -18.40 -5.10 12.67
C SER B 88 -18.75 -6.55 12.39
N VAL B 89 -19.16 -7.25 13.42
CA VAL B 89 -19.54 -8.65 13.28
C VAL B 89 -20.71 -8.77 12.31
N GLU B 90 -21.64 -7.82 12.40
CA GLU B 90 -22.76 -7.79 11.47
C GLU B 90 -22.26 -7.56 10.05
N ALA B 91 -21.27 -6.70 9.92
CA ALA B 91 -20.71 -6.39 8.62
C ALA B 91 -20.05 -7.61 7.99
N VAL B 92 -19.35 -8.40 8.79
CA VAL B 92 -18.63 -9.56 8.29
C VAL B 92 -19.58 -10.59 7.66
N GLN B 93 -20.72 -10.81 8.31
CA GLN B 93 -21.74 -11.68 7.78
C GLN B 93 -22.32 -11.11 6.49
N GLU B 94 -22.58 -9.81 6.47
CA GLU B 94 -23.08 -9.15 5.28
C GLU B 94 -22.07 -9.24 4.16
N ILE B 95 -20.80 -9.02 4.50
CA ILE B 95 -19.72 -9.11 3.54
C ILE B 95 -19.61 -10.53 2.99
N THR B 96 -19.77 -11.51 3.87
CA THR B 96 -19.64 -12.91 3.48
C THR B 96 -20.68 -13.30 2.46
N GLU B 97 -21.91 -12.82 2.63
CA GLU B 97 -22.99 -13.10 1.69
C GLU B 97 -22.67 -12.49 0.33
N TYR B 98 -22.22 -11.24 0.34
CA TYR B 98 -21.84 -10.56 -0.89
C TYR B 98 -20.64 -11.24 -1.55
N ALA B 99 -19.70 -11.67 -0.73
CA ALA B 99 -18.49 -12.33 -1.22
C ALA B 99 -18.83 -13.61 -1.97
N LYS B 100 -19.83 -14.32 -1.50
CA LYS B 100 -20.28 -15.53 -2.15
C LYS B 100 -20.79 -15.17 -3.53
N SER B 101 -21.43 -14.02 -3.64
CA SER B 101 -22.04 -13.61 -4.89
C SER B 101 -20.99 -13.55 -5.98
N ILE B 102 -19.79 -13.09 -5.61
CA ILE B 102 -18.74 -12.90 -6.60
C ILE B 102 -18.54 -14.19 -7.37
N PRO B 103 -18.54 -14.10 -8.71
CA PRO B 103 -18.37 -15.30 -9.50
C PRO B 103 -17.07 -16.03 -9.21
N GLY B 104 -17.16 -17.32 -8.92
CA GLY B 104 -15.99 -18.17 -8.74
C GLY B 104 -15.35 -18.13 -7.37
N PHE B 105 -15.88 -17.28 -6.50
CA PHE B 105 -15.38 -17.22 -5.12
C PHE B 105 -15.74 -18.50 -4.38
N VAL B 106 -16.96 -18.97 -4.58
CA VAL B 106 -17.48 -20.16 -3.91
C VAL B 106 -16.68 -21.40 -4.30
N ASN B 107 -16.29 -21.44 -5.57
CA ASN B 107 -15.56 -22.55 -6.16
C ASN B 107 -14.15 -22.70 -5.59
N LEU B 108 -13.59 -21.59 -5.11
CA LEU B 108 -12.24 -21.59 -4.56
C LEU B 108 -12.16 -22.52 -3.38
N ASP B 109 -10.94 -22.93 -3.04
CA ASP B 109 -10.72 -23.85 -1.93
C ASP B 109 -11.29 -23.22 -0.66
N LEU B 110 -11.98 -24.03 0.13
CA LEU B 110 -12.72 -23.53 1.30
C LEU B 110 -11.79 -22.80 2.26
N ASN B 111 -10.56 -23.31 2.41
CA ASN B 111 -9.55 -22.66 3.23
C ASN B 111 -9.20 -21.28 2.68
N ASP B 112 -9.12 -21.17 1.36
CA ASP B 112 -8.84 -19.90 0.71
C ASP B 112 -9.97 -18.90 0.92
N GLN B 113 -11.21 -19.37 0.84
CA GLN B 113 -12.37 -18.50 1.02
C GLN B 113 -12.39 -17.90 2.41
N VAL B 114 -12.07 -18.73 3.40
CA VAL B 114 -11.94 -18.28 4.78
C VAL B 114 -10.78 -17.30 4.95
N THR B 115 -9.66 -17.59 4.29
CA THR B 115 -8.50 -16.73 4.39
C THR B 115 -8.74 -15.39 3.72
N LEU B 116 -9.37 -15.39 2.56
CA LEU B 116 -9.68 -14.13 1.88
C LEU B 116 -10.64 -13.29 2.70
N LEU B 117 -11.66 -13.96 3.23
CA LEU B 117 -12.66 -13.31 4.09
C LEU B 117 -12.07 -12.79 5.39
N LYS B 118 -11.18 -13.55 6.00
CA LYS B 118 -10.60 -13.20 7.28
C LYS B 118 -9.72 -11.96 7.20
N TYR B 119 -8.75 -11.99 6.31
CA TYR B 119 -7.87 -10.84 6.12
C TYR B 119 -8.56 -9.68 5.40
N GLY B 120 -9.46 -10.03 4.49
CA GLY B 120 -10.17 -9.04 3.67
C GLY B 120 -11.15 -8.13 4.40
N VAL B 121 -11.78 -8.65 5.46
CA VAL B 121 -12.91 -7.98 6.10
C VAL B 121 -12.60 -6.61 6.68
N HIS B 122 -11.45 -6.46 7.33
CA HIS B 122 -11.11 -5.20 7.99
C HIS B 122 -10.98 -4.06 6.99
N GLU B 123 -10.30 -4.32 5.89
CA GLU B 123 -10.11 -3.33 4.84
C GLU B 123 -11.45 -2.93 4.21
N ILE B 124 -12.32 -3.91 4.01
CA ILE B 124 -13.65 -3.65 3.46
C ILE B 124 -14.54 -2.90 4.45
N ILE B 125 -14.44 -3.23 5.73
CA ILE B 125 -15.27 -2.57 6.75
C ILE B 125 -14.97 -1.08 6.79
N TYR B 126 -13.68 -0.74 6.78
CA TYR B 126 -13.25 0.65 6.78
C TYR B 126 -13.68 1.38 5.52
N THR B 127 -13.56 0.70 4.38
CA THR B 127 -13.99 1.25 3.10
C THR B 127 -15.49 1.48 3.09
N MET B 128 -16.24 0.48 3.56
CA MET B 128 -17.68 0.60 3.72
C MET B 128 -17.96 1.67 4.77
N LEU B 129 -17.15 1.70 5.82
CA LEU B 129 -17.36 2.65 6.89
C LEU B 129 -17.26 4.05 6.33
N ALA B 130 -16.33 4.24 5.39
CA ALA B 130 -16.06 5.56 4.83
C ALA B 130 -17.30 6.20 4.22
N SER B 131 -18.15 5.41 3.59
CA SER B 131 -19.33 5.94 2.91
C SER B 131 -20.25 6.65 3.90
N LEU B 132 -20.40 6.07 5.08
CA LEU B 132 -21.21 6.67 6.15
C LEU B 132 -20.57 7.94 6.68
N MET B 133 -19.24 7.94 6.72
CA MET B 133 -18.45 9.02 7.30
C MET B 133 -18.50 10.34 6.52
N ASN B 134 -18.51 11.41 7.31
CA ASN B 134 -18.33 12.79 6.86
C ASN B 134 -17.35 13.44 7.82
N LYS B 135 -16.65 14.49 7.39
CA LYS B 135 -15.55 15.04 8.17
C LYS B 135 -15.97 15.30 9.61
N ASP B 136 -17.18 15.81 9.77
CA ASP B 136 -17.77 16.01 11.09
C ASP B 136 -18.18 14.78 11.91
N GLY B 137 -18.69 13.75 11.26
CA GLY B 137 -19.29 12.62 11.96
C GLY B 137 -19.54 11.36 11.16
N VAL B 138 -19.76 10.26 11.87
CA VAL B 138 -20.03 8.97 11.25
C VAL B 138 -21.40 8.42 11.65
N LEU B 139 -22.16 7.98 10.66
CA LEU B 139 -23.50 7.43 10.89
C LEU B 139 -23.47 6.09 11.64
N ILE B 140 -24.52 5.84 12.42
CA ILE B 140 -24.59 4.64 13.25
C ILE B 140 -26.00 4.07 13.29
N SER B 141 -26.13 2.83 13.72
CA SER B 141 -27.43 2.17 13.85
C SER B 141 -28.22 2.19 12.54
N GLU B 142 -27.54 1.86 11.45
CA GLU B 142 -28.14 1.87 10.13
C GLU B 142 -28.67 3.26 9.74
N GLY B 143 -27.93 4.29 10.12
CA GLY B 143 -28.27 5.67 9.78
C GLY B 143 -29.25 6.28 10.75
N GLN B 144 -29.61 5.53 11.78
CA GLN B 144 -30.53 6.03 12.80
C GLN B 144 -29.92 7.20 13.56
N GLY B 145 -28.62 7.12 13.83
CA GLY B 145 -27.94 8.15 14.61
C GLY B 145 -26.62 8.61 14.01
N PHE B 146 -26.21 9.82 14.36
CA PHE B 146 -24.95 10.39 13.87
C PHE B 146 -24.09 10.69 15.10
N MET B 147 -22.86 10.18 15.11
CA MET B 147 -21.91 10.46 16.18
C MET B 147 -20.90 11.50 15.71
N THR B 148 -20.81 12.60 16.44
CA THR B 148 -19.93 13.70 16.07
C THR B 148 -18.45 13.29 16.12
N ARG B 149 -17.68 13.80 15.17
CA ARG B 149 -16.26 13.49 15.09
C ARG B 149 -15.55 13.99 16.35
N GLU B 150 -15.95 15.17 16.82
CA GLU B 150 -15.33 15.77 17.98
C GLU B 150 -15.55 14.94 19.23
N PHE B 151 -16.75 14.41 19.40
CA PHE B 151 -17.06 13.60 20.56
C PHE B 151 -16.20 12.32 20.61
N LEU B 152 -16.05 11.67 19.47
CA LEU B 152 -15.18 10.48 19.37
C LEU B 152 -13.73 10.82 19.68
N LYS B 153 -13.28 11.94 19.14
CA LYS B 153 -11.92 12.41 19.37
C LYS B 153 -11.70 12.71 20.86
N SER B 154 -12.75 13.18 21.53
CA SER B 154 -12.61 13.55 22.93
C SER B 154 -12.23 12.37 23.81
N LEU B 155 -12.78 11.20 23.49
CA LEU B 155 -12.74 10.04 24.37
C LEU B 155 -11.35 9.70 24.89
N ARG B 156 -11.30 9.26 26.15
CA ARG B 156 -10.04 8.98 26.83
C ARG B 156 -9.20 8.02 26.01
N LYS B 157 -7.88 8.24 26.01
CA LYS B 157 -6.97 7.34 25.31
C LYS B 157 -7.12 5.94 25.90
N PRO B 158 -6.91 4.90 25.07
CA PRO B 158 -6.44 5.00 23.70
C PRO B 158 -7.55 5.38 22.72
N PHE B 159 -8.76 5.50 23.23
CA PHE B 159 -9.95 5.59 22.40
C PHE B 159 -10.03 6.86 21.55
N GLY B 160 -9.51 7.97 22.05
CA GLY B 160 -9.60 9.25 21.34
C GLY B 160 -8.99 9.23 19.95
N ASP B 161 -7.81 8.64 19.82
CA ASP B 161 -7.13 8.55 18.55
C ASP B 161 -7.86 7.64 17.57
N PHE B 162 -8.45 6.57 18.10
CA PHE B 162 -8.86 5.42 17.30
C PHE B 162 -9.70 5.75 16.08
N MET B 163 -10.73 6.55 16.29
CA MET B 163 -11.63 6.97 15.21
C MET B 163 -11.03 7.94 14.23
N GLU B 164 -10.23 8.89 14.74
CA GLU B 164 -9.75 10.01 13.94
C GLU B 164 -8.97 9.56 12.72
N PRO B 165 -8.12 8.54 12.88
CA PRO B 165 -7.35 8.05 11.75
C PRO B 165 -8.27 7.61 10.62
N LYS B 166 -9.39 7.01 10.99
CA LYS B 166 -10.40 6.58 10.02
C LYS B 166 -11.03 7.77 9.32
N PHE B 167 -11.27 8.84 10.07
CA PHE B 167 -11.87 10.04 9.50
C PHE B 167 -10.98 10.61 8.42
N GLU B 168 -9.68 10.64 8.69
CA GLU B 168 -8.71 11.20 7.75
C GLU B 168 -8.69 10.39 6.45
N PHE B 169 -8.74 9.07 6.59
CA PHE B 169 -8.81 8.19 5.43
C PHE B 169 -10.13 8.39 4.69
N ALA B 170 -11.22 8.51 5.45
CA ALA B 170 -12.55 8.62 4.84
C ALA B 170 -12.67 9.87 3.99
N VAL B 171 -12.15 10.97 4.51
CA VAL B 171 -12.17 12.25 3.79
C VAL B 171 -11.43 12.14 2.47
N LYS B 172 -10.24 11.58 2.53
CA LYS B 172 -9.39 11.41 1.35
C LYS B 172 -9.97 10.37 0.39
N PHE B 173 -10.50 9.28 0.94
CA PHE B 173 -11.12 8.23 0.13
C PHE B 173 -12.46 8.68 -0.44
N ASN B 174 -13.21 9.42 0.36
CA ASN B 174 -14.49 9.98 -0.10
C ASN B 174 -14.31 10.97 -1.23
N ALA B 175 -13.10 11.52 -1.34
CA ALA B 175 -12.75 12.52 -2.34
C ALA B 175 -12.99 12.02 -3.75
N LEU B 176 -12.83 10.71 -3.93
CA LEU B 176 -13.02 10.08 -5.22
C LEU B 176 -14.46 10.23 -5.70
N GLU B 177 -15.40 10.29 -4.76
CA GLU B 177 -16.83 10.38 -5.09
C GLU B 177 -17.34 9.12 -5.79
N LEU B 178 -16.87 7.97 -5.34
CA LEU B 178 -17.32 6.71 -5.90
C LEU B 178 -18.77 6.46 -5.57
N ASP B 179 -19.51 5.97 -6.57
CA ASP B 179 -20.89 5.50 -6.42
C ASP B 179 -20.93 4.07 -5.87
N ASP B 180 -22.08 3.66 -5.34
CA ASP B 180 -22.21 2.33 -4.76
C ASP B 180 -21.75 1.29 -5.76
N SER B 181 -22.09 1.52 -7.03
CA SER B 181 -21.71 0.60 -8.09
C SER B 181 -20.19 0.47 -8.23
N ASP B 182 -19.49 1.59 -8.12
CA ASP B 182 -18.04 1.59 -8.18
C ASP B 182 -17.46 0.82 -7.00
N LEU B 183 -18.06 1.02 -5.82
CA LEU B 183 -17.61 0.34 -4.60
C LEU B 183 -17.76 -1.16 -4.67
N ALA B 184 -18.84 -1.62 -5.28
CA ALA B 184 -19.16 -3.04 -5.30
C ALA B 184 -18.08 -3.83 -6.03
N ILE B 185 -17.64 -3.30 -7.17
CA ILE B 185 -16.52 -3.90 -7.87
C ILE B 185 -15.25 -3.79 -7.04
N PHE B 186 -15.06 -2.63 -6.43
CA PHE B 186 -13.89 -2.37 -5.62
C PHE B 186 -13.84 -3.32 -4.43
N ILE B 187 -14.99 -3.56 -3.81
CA ILE B 187 -15.07 -4.45 -2.67
C ILE B 187 -14.65 -5.87 -3.05
N ALA B 188 -15.09 -6.29 -4.23
CA ALA B 188 -14.75 -7.62 -4.73
C ALA B 188 -13.25 -7.77 -4.93
N VAL B 189 -12.62 -6.70 -5.42
CA VAL B 189 -11.19 -6.69 -5.66
C VAL B 189 -10.40 -6.89 -4.37
N ILE B 190 -10.86 -6.23 -3.31
CA ILE B 190 -10.20 -6.36 -2.01
C ILE B 190 -10.30 -7.78 -1.47
N ILE B 191 -11.48 -8.37 -1.58
CA ILE B 191 -11.71 -9.71 -1.06
C ILE B 191 -10.84 -10.71 -1.83
N LEU B 192 -10.84 -10.57 -3.14
CA LEU B 192 -10.07 -11.47 -4.00
C LEU B 192 -8.64 -10.99 -4.10
N SER B 193 -7.89 -11.15 -3.02
CA SER B 193 -6.49 -10.75 -2.96
C SER B 193 -5.60 -11.96 -2.88
N GLY B 194 -4.69 -12.07 -3.84
CA GLY B 194 -3.71 -13.18 -3.86
C GLY B 194 -2.71 -13.14 -2.72
N ASP B 195 -2.35 -11.95 -2.29
CA ASP B 195 -1.27 -11.82 -1.32
C ASP B 195 -1.54 -12.57 -0.02
N ARG B 196 -2.80 -12.56 0.38
CA ARG B 196 -3.18 -12.94 1.73
C ARG B 196 -2.37 -14.12 2.23
N PRO B 197 -1.92 -14.09 3.49
CA PRO B 197 -1.12 -15.18 4.03
C PRO B 197 -1.85 -16.50 4.09
N GLY B 198 -1.15 -17.57 3.75
CA GLY B 198 -1.66 -18.94 3.88
C GLY B 198 -2.58 -19.45 2.79
N LEU B 199 -2.70 -18.73 1.68
CA LEU B 199 -3.52 -19.22 0.60
C LEU B 199 -2.89 -20.50 0.08
N LEU B 200 -3.72 -21.53 -0.10
CA LEU B 200 -3.26 -22.77 -0.72
C LEU B 200 -3.07 -22.63 -2.22
N ASN B 201 -4.08 -22.09 -2.90
CA ASN B 201 -4.01 -21.85 -4.34
C ASN B 201 -4.28 -20.40 -4.63
N VAL B 202 -3.41 -19.78 -5.43
CA VAL B 202 -3.57 -18.38 -5.76
C VAL B 202 -3.91 -18.11 -7.23
N LYS B 203 -3.73 -19.10 -8.09
CA LYS B 203 -4.04 -18.91 -9.52
C LYS B 203 -5.49 -18.51 -9.69
N PRO B 204 -6.41 -19.22 -9.03
CA PRO B 204 -7.81 -18.89 -9.16
C PRO B 204 -8.17 -17.52 -8.57
N ILE B 205 -7.62 -17.22 -7.39
CA ILE B 205 -7.88 -15.94 -6.71
C ILE B 205 -7.35 -14.73 -7.50
N GLU B 206 -6.14 -14.85 -8.05
CA GLU B 206 -5.54 -13.81 -8.86
C GLU B 206 -6.25 -13.68 -10.20
N ASP B 207 -6.60 -14.82 -10.78
CA ASP B 207 -7.32 -14.85 -12.06
C ASP B 207 -8.70 -14.21 -11.95
N ILE B 208 -9.41 -14.49 -10.86
CA ILE B 208 -10.69 -13.86 -10.58
C ILE B 208 -10.49 -12.38 -10.29
N GLN B 209 -9.43 -12.07 -9.52
CA GLN B 209 -9.13 -10.69 -9.17
C GLN B 209 -8.84 -9.88 -10.43
N ASP B 210 -8.11 -10.51 -11.35
CA ASP B 210 -7.74 -9.85 -12.61
C ASP B 210 -8.98 -9.45 -13.39
N ASN B 211 -9.96 -10.34 -13.44
CA ASN B 211 -11.21 -10.06 -14.12
C ASN B 211 -11.98 -8.92 -13.45
N LEU B 212 -11.98 -8.92 -12.12
CA LEU B 212 -12.65 -7.87 -11.35
C LEU B 212 -11.96 -6.53 -11.55
N LEU B 213 -10.64 -6.54 -11.61
CA LEU B 213 -9.88 -5.33 -11.88
C LEU B 213 -10.26 -4.80 -13.25
N GLN B 214 -10.42 -5.70 -14.20
CA GLN B 214 -10.85 -5.32 -15.54
C GLN B 214 -12.24 -4.71 -15.49
N ALA B 215 -13.14 -5.33 -14.74
CA ALA B 215 -14.50 -4.82 -14.59
C ALA B 215 -14.51 -3.47 -13.91
N LEU B 216 -13.69 -3.33 -12.87
CA LEU B 216 -13.61 -2.06 -12.13
C LEU B 216 -13.10 -0.95 -13.02
N GLU B 217 -12.09 -1.28 -13.84
CA GLU B 217 -11.48 -0.29 -14.72
C GLU B 217 -12.48 0.22 -15.75
N LEU B 218 -13.24 -0.70 -16.34
CA LEU B 218 -14.26 -0.33 -17.30
C LEU B 218 -15.35 0.49 -16.65
N GLN B 219 -15.77 0.07 -15.45
CA GLN B 219 -16.85 0.74 -14.73
C GLN B 219 -16.53 2.19 -14.39
N LEU B 220 -15.29 2.44 -13.97
CA LEU B 220 -14.89 3.79 -13.60
C LEU B 220 -14.88 4.72 -14.80
N LYS B 221 -14.35 4.24 -15.93
CA LYS B 221 -14.26 5.08 -17.13
C LYS B 221 -15.65 5.43 -17.63
N LEU B 222 -16.53 4.45 -17.72
CA LEU B 222 -17.91 4.72 -18.11
C LEU B 222 -18.66 5.53 -17.08
N ASN B 223 -18.60 5.12 -15.82
CA ASN B 223 -19.30 5.83 -14.75
C ASN B 223 -18.68 7.20 -14.45
N HIS B 224 -17.36 7.30 -14.55
CA HIS B 224 -16.66 8.55 -14.34
C HIS B 224 -15.70 8.80 -15.51
N PRO B 225 -16.25 9.15 -16.67
CA PRO B 225 -15.44 9.39 -17.86
C PRO B 225 -14.54 10.59 -17.68
N GLU B 226 -15.07 11.64 -17.05
CA GLU B 226 -14.31 12.87 -16.81
C GLU B 226 -13.14 12.68 -15.88
N SER B 227 -13.31 11.83 -14.88
CA SER B 227 -12.23 11.57 -13.93
C SER B 227 -11.06 10.91 -14.66
N SER B 228 -9.85 11.33 -14.30
CA SER B 228 -8.64 10.79 -14.94
C SER B 228 -7.86 9.93 -13.97
N GLN B 229 -7.54 8.71 -14.39
CA GLN B 229 -6.76 7.78 -13.58
C GLN B 229 -7.42 7.52 -12.25
N LEU B 230 -8.75 7.53 -12.24
CA LEU B 230 -9.49 7.25 -11.03
C LEU B 230 -9.20 5.83 -10.58
N PHE B 231 -9.06 4.94 -11.55
CA PHE B 231 -8.75 3.54 -11.26
C PHE B 231 -7.44 3.41 -10.53
N ALA B 232 -6.44 4.11 -11.03
CA ALA B 232 -5.12 4.07 -10.41
C ALA B 232 -5.18 4.64 -9.00
N LYS B 233 -5.89 5.76 -8.86
CA LYS B 233 -6.04 6.43 -7.57
C LYS B 233 -6.77 5.53 -6.59
N LEU B 234 -7.79 4.84 -7.07
CA LEU B 234 -8.53 3.91 -6.24
C LEU B 234 -7.65 2.74 -5.81
N LEU B 235 -6.84 2.25 -6.75
CA LEU B 235 -5.86 1.21 -6.45
C LEU B 235 -4.84 1.70 -5.43
N GLN B 236 -4.52 2.98 -5.51
CA GLN B 236 -3.58 3.59 -4.60
C GLN B 236 -4.10 3.52 -3.17
N LYS B 237 -5.41 3.71 -3.01
CA LYS B 237 -5.98 3.76 -1.67
C LYS B 237 -5.58 2.56 -0.85
N MET B 238 -5.47 1.41 -1.51
CA MET B 238 -5.36 0.15 -0.79
C MET B 238 -4.26 0.22 0.24
N THR B 239 -3.19 0.91 -0.10
CA THR B 239 -2.10 1.14 0.84
C THR B 239 -2.65 1.79 2.10
N ASP B 240 -3.56 2.73 1.90
CA ASP B 240 -4.22 3.40 3.01
C ASP B 240 -5.00 2.43 3.87
N LEU B 241 -5.69 1.49 3.21
CA LEU B 241 -6.51 0.50 3.91
C LEU B 241 -5.64 -0.44 4.72
N ARG B 242 -4.49 -0.82 4.16
CA ARG B 242 -3.60 -1.78 4.81
C ARG B 242 -2.96 -1.20 6.06
N GLN B 243 -2.55 0.06 5.98
CA GLN B 243 -2.01 0.78 7.14
C GLN B 243 -3.07 0.99 8.23
N ILE B 244 -4.27 1.35 7.82
CA ILE B 244 -5.37 1.58 8.75
C ILE B 244 -5.73 0.30 9.49
N VAL B 245 -5.77 -0.80 8.75
CA VAL B 245 -5.99 -2.12 9.33
C VAL B 245 -4.83 -2.49 10.24
N THR B 246 -3.62 -2.18 9.80
CA THR B 246 -2.42 -2.43 10.60
C THR B 246 -2.49 -1.61 11.88
N GLU B 247 -2.96 -0.39 11.76
CA GLU B 247 -3.08 0.51 12.90
C GLU B 247 -4.16 0.03 13.88
N HIS B 248 -5.30 -0.38 13.33
CA HIS B 248 -6.46 -0.81 14.13
C HIS B 248 -6.14 -2.04 14.97
N VAL B 249 -5.45 -3.00 14.36
CA VAL B 249 -5.03 -4.21 15.08
C VAL B 249 -4.01 -3.87 16.17
N GLN B 250 -3.08 -2.96 15.85
CA GLN B 250 -2.03 -2.57 16.77
C GLN B 250 -2.62 -1.84 17.97
N LEU B 251 -3.56 -0.95 17.72
CA LEU B 251 -4.30 -0.28 18.79
C LEU B 251 -5.12 -1.30 19.57
N LEU B 252 -5.67 -2.27 18.86
CA LEU B 252 -6.48 -3.31 19.47
C LEU B 252 -5.71 -4.12 20.48
N GLN B 253 -4.46 -4.46 20.16
CA GLN B 253 -3.61 -5.19 21.09
C GLN B 253 -3.41 -4.40 22.37
N VAL B 254 -3.24 -3.09 22.22
CA VAL B 254 -3.10 -2.18 23.34
C VAL B 254 -4.39 -2.13 24.14
N ILE B 255 -5.53 -2.18 23.45
CA ILE B 255 -6.84 -2.17 24.07
C ILE B 255 -7.00 -3.38 24.99
N LYS B 256 -6.41 -4.49 24.59
CA LYS B 256 -6.53 -5.70 25.36
C LYS B 256 -6.00 -5.43 26.76
N LYS B 257 -4.94 -4.64 26.83
CA LYS B 257 -4.30 -4.34 28.10
C LYS B 257 -5.01 -3.21 28.84
N THR B 258 -6.22 -3.51 29.32
CA THR B 258 -7.02 -2.54 30.08
C THR B 258 -8.46 -3.04 30.21
N PRO B 266 -16.75 -13.52 29.27
CA PRO B 266 -17.52 -14.75 29.20
C PRO B 266 -17.55 -15.30 27.77
N LEU B 267 -18.72 -15.79 27.36
CA LEU B 267 -18.96 -16.30 26.02
C LEU B 267 -18.80 -15.19 25.00
N LEU B 268 -19.14 -13.98 25.40
CA LEU B 268 -19.16 -12.83 24.49
C LEU B 268 -17.79 -12.62 23.85
N GLN B 269 -16.73 -12.76 24.63
CA GLN B 269 -15.42 -12.67 24.02
C GLN B 269 -15.36 -13.52 22.76
N GLU B 270 -15.97 -14.69 22.83
CA GLU B 270 -15.88 -15.63 21.72
C GLU B 270 -16.51 -15.06 20.46
N ILE B 271 -17.69 -14.46 20.62
CA ILE B 271 -18.43 -13.88 19.50
C ILE B 271 -17.53 -12.92 18.73
N TYR B 272 -17.14 -11.84 19.39
CA TYR B 272 -16.27 -10.83 18.77
C TYR B 272 -14.87 -11.40 18.51
N LYS B 273 -14.37 -12.16 19.46
CA LYS B 273 -13.04 -12.77 19.34
C LYS B 273 -12.02 -11.76 18.84
C4 EB6 C . 20.92 -5.48 7.13
C2 EB6 C . 22.06 -7.48 6.46
O4 EB6 C . 22.29 -3.79 -1.37
C23 EB6 C . 22.80 -2.68 -1.25
C24 EB6 C . 24.02 -2.58 -1.02
C25 EB6 C . 25.18 -2.51 -0.81
C26 EB6 C . 26.44 -2.42 -0.57
C31 EB6 C . 27.15 -3.52 0.13
O6 EB6 C . 26.48 -4.63 0.52
C30 EB6 C . 28.51 -3.40 0.39
C29 EB6 C . 29.19 -2.24 -0.01
O5 EB6 C . 30.53 -2.12 0.25
C32 EB6 C . 30.96 -1.42 1.41
C28 EB6 C . 28.52 -1.21 -0.67
C27 EB6 C . 27.16 -1.30 -0.95
O3 EB6 C . 21.98 -1.48 -1.37
C20 EB6 C . 21.23 -1.06 -0.30
C19 EB6 C . 20.52 -1.98 0.46
C18 EB6 C . 19.77 -1.55 1.53
C21 EB6 C . 21.18 0.30 0.03
C22 EB6 C . 20.42 0.72 1.12
C16 EB6 C . 19.71 -0.20 1.87
C15 EB6 C . 18.89 0.26 3.05
C13 EB6 C . 19.79 0.44 4.27
C14 EB6 C . 19.37 1.65 5.04
O2 EB6 C . 18.18 1.84 5.27
O1 EB6 C . 20.35 2.59 5.53
C17 EB6 C . 20.50 2.78 6.96
N EB6 C . 19.80 -0.77 5.05
C12 EB6 C . 20.75 -0.99 5.98
C11 EB6 C . 21.38 0.07 6.63
C10 EB6 C . 22.40 -0.16 7.53
C9 EB6 C . 22.84 -1.44 7.77
C8 EB6 C . 22.28 -2.54 7.16
C7 EB6 C . 21.23 -2.37 6.26
C6 EB6 C . 20.62 -3.55 5.57
O EB6 C . 19.73 -3.37 4.75
C5 EB6 C . 21.13 -4.92 5.88
C EB6 C . 21.81 -5.64 4.91
C3 EB6 C . 21.40 -6.74 7.42
C1 EB6 C . 22.27 -6.92 5.20
O1 EBF D . -19.30 1.75 11.66
C6 EBF D . -19.63 1.77 12.86
C7 EBF D . -18.64 1.94 13.84
C8 EBF D . -19.00 2.13 15.23
C4 EBF D . -20.34 1.90 15.56
C5 EBF D . -20.74 1.79 16.90
C EBF D . -22.09 1.60 17.20
O EBF D . -20.95 1.59 13.18
C3 EBF D . -21.34 1.59 14.48
C2 EBF D . -22.67 1.40 14.83
C1 EBF D . -23.04 1.42 16.19
O2 EBF D . -24.35 1.22 16.52
C9 EBF D . -24.93 -0.07 16.37
#